data_1D4W
#
_entry.id   1D4W
#
_cell.length_a   100.2
_cell.length_b   49.0
_cell.length_c   55.6
_cell.angle_alpha   90.
_cell.angle_beta   94.2
_cell.angle_gamma   90.
#
_symmetry.space_group_name_H-M   'C 1 2 1'
#
loop_
_entity.id
_entity.type
_entity.pdbx_description
1 polymer 'T CELL SIGNAL TRANSDUCTION MOLECULE SAP'
2 polymer 'SIGNALING LYMPHOCYTIC ACTIVATION MOLECULE'
3 water water
#
loop_
_entity_poly.entity_id
_entity_poly.type
_entity_poly.pdbx_seq_one_letter_code
_entity_poly.pdbx_strand_id
1 'polypeptide(L)'
;MDAVAVYHGKISRETGEKLLLATGLDGSYLLRDSESVPGVYCLCVLYHGYIYTYRVSQTETGSWSAETAPGVHKRYFRKI
KNLISAFQKPDQGIVIPLQYPVEK
;
A,B
2 'polypeptide(L)' KSLTI(PTR)AQVQK C,D
#
# COMPACT_ATOMS: atom_id res chain seq x y z
N MET A 1 26.26 4.28 5.61
CA MET A 1 24.87 4.68 5.43
C MET A 1 24.76 6.11 4.91
N ASP A 2 25.37 6.28 3.75
CA ASP A 2 25.51 7.57 3.08
C ASP A 2 24.17 8.08 2.57
N ALA A 3 23.23 7.17 2.39
CA ALA A 3 21.88 7.44 1.91
C ALA A 3 21.03 8.19 2.93
N VAL A 4 21.63 8.35 4.11
CA VAL A 4 20.97 9.17 5.12
C VAL A 4 21.48 10.58 4.92
N ALA A 5 20.64 11.49 4.44
CA ALA A 5 21.16 12.82 4.08
C ALA A 5 21.69 13.55 5.31
N VAL A 6 21.03 13.28 6.45
CA VAL A 6 21.47 13.98 7.64
C VAL A 6 22.72 13.35 8.27
N TYR A 7 23.22 12.24 7.75
CA TYR A 7 24.41 11.59 8.32
C TYR A 7 25.70 12.22 7.82
N HIS A 8 26.51 12.72 8.74
CA HIS A 8 27.78 13.34 8.49
C HIS A 8 28.87 12.43 9.06
N GLY A 9 29.42 11.59 8.20
CA GLY A 9 30.35 10.56 8.58
C GLY A 9 31.76 11.02 8.80
N LYS A 10 32.06 12.31 8.59
CA LYS A 10 33.49 12.64 8.80
C LYS A 10 33.65 13.70 9.86
N ILE A 11 32.54 14.07 10.51
CA ILE A 11 32.68 15.17 11.47
C ILE A 11 32.84 14.69 12.90
N SER A 12 33.50 15.59 13.63
CA SER A 12 33.67 15.45 15.07
C SER A 12 32.47 15.98 15.84
N ARG A 13 32.45 15.75 17.14
CA ARG A 13 31.39 16.25 18.00
C ARG A 13 31.34 17.77 17.95
N GLU A 14 32.50 18.41 18.07
CA GLU A 14 32.63 19.87 18.02
C GLU A 14 32.09 20.43 16.71
N THR A 15 32.44 19.76 15.62
CA THR A 15 31.96 20.17 14.28
C THR A 15 30.44 19.99 14.25
N GLY A 16 29.96 18.86 14.76
CA GLY A 16 28.51 18.70 14.92
C GLY A 16 27.86 19.83 15.69
N GLU A 17 28.37 20.25 16.84
CA GLU A 17 27.80 21.38 17.56
C GLU A 17 27.83 22.67 16.76
N LYS A 18 28.93 22.98 16.06
CA LYS A 18 28.97 24.24 15.32
C LYS A 18 27.98 24.28 14.16
N LEU A 19 27.77 23.14 13.48
CA LEU A 19 26.82 23.12 12.39
C LEU A 19 25.41 23.39 12.90
N LEU A 20 25.07 22.76 14.02
CA LEU A 20 23.71 22.92 14.55
C LEU A 20 23.52 24.34 15.06
N LEU A 21 24.51 24.78 15.83
CA LEU A 21 24.40 26.12 16.39
C LEU A 21 24.25 27.12 15.25
N ALA A 22 24.93 26.87 14.13
CA ALA A 22 24.87 27.86 13.05
C ALA A 22 23.44 28.04 12.55
N THR A 23 22.53 27.10 12.81
CA THR A 23 21.20 27.25 12.26
C THR A 23 20.38 28.25 13.06
N GLY A 24 20.81 28.46 14.31
CA GLY A 24 20.08 29.31 15.23
C GLY A 24 18.64 28.86 15.43
N LEU A 25 18.39 27.58 15.19
CA LEU A 25 17.03 27.10 15.10
C LEU A 25 16.80 25.81 15.90
N ASP A 26 16.06 25.90 16.99
CA ASP A 26 15.79 24.78 17.88
C ASP A 26 15.16 23.66 17.09
N GLY A 27 15.60 22.42 17.31
CA GLY A 27 14.94 21.36 16.57
C GLY A 27 15.73 20.95 15.33
N SER A 28 16.79 21.71 15.01
CA SER A 28 17.69 21.29 13.92
C SER A 28 18.50 20.08 14.36
N TYR A 29 18.71 19.10 13.47
CA TYR A 29 19.36 17.87 13.93
C TYR A 29 20.25 17.26 12.84
N LEU A 30 21.17 16.42 13.28
CA LEU A 30 22.00 15.62 12.39
C LEU A 30 22.39 14.31 13.06
N LEU A 31 23.02 13.47 12.24
CA LEU A 31 23.54 12.20 12.74
C LEU A 31 25.06 12.22 12.49
N ARG A 32 25.83 11.70 13.44
CA ARG A 32 27.29 11.66 13.25
C ARG A 32 27.81 10.38 13.91
N ASP A 33 29.09 10.06 13.71
CA ASP A 33 29.65 8.95 14.43
C ASP A 33 29.93 9.35 15.88
N SER A 34 29.82 8.42 16.81
CA SER A 34 30.27 8.72 18.17
C SER A 34 31.78 8.88 18.20
N GLU A 35 32.28 9.82 19.00
CA GLU A 35 33.73 9.92 19.15
C GLU A 35 34.18 9.31 20.48
N SER A 36 33.27 8.57 21.13
CA SER A 36 33.58 7.88 22.38
C SER A 36 33.36 6.37 22.28
N VAL A 37 32.41 5.97 21.45
CA VAL A 37 32.07 4.54 21.35
C VAL A 37 32.24 4.14 19.88
N PRO A 38 33.34 3.48 19.52
CA PRO A 38 33.49 3.06 18.13
C PRO A 38 32.31 2.22 17.66
N GLY A 39 31.84 2.58 16.46
CA GLY A 39 30.81 1.77 15.82
C GLY A 39 29.43 2.25 16.20
N VAL A 40 29.33 3.22 17.12
CA VAL A 40 28.02 3.74 17.51
C VAL A 40 27.80 5.11 16.87
N TYR A 41 26.56 5.55 16.74
CA TYR A 41 26.26 6.84 16.10
C TYR A 41 25.61 7.78 17.11
N CYS A 42 25.52 9.05 16.75
CA CYS A 42 24.92 10.03 17.65
C CYS A 42 23.92 10.92 16.92
N LEU A 43 22.69 10.86 17.39
CA LEU A 43 21.62 11.72 16.88
C LEU A 43 21.57 12.98 17.74
N CYS A 44 21.80 14.13 17.11
CA CYS A 44 22.11 15.40 17.76
C CYS A 44 21.01 16.41 17.45
N VAL A 45 20.40 17.01 18.46
CA VAL A 45 19.38 18.01 18.19
C VAL A 45 19.60 19.21 19.11
N LEU A 46 19.44 20.38 18.50
CA LEU A 46 19.61 21.65 19.17
C LEU A 46 18.43 22.09 20.03
N TYR A 47 18.67 22.43 21.30
CA TYR A 47 17.63 23.00 22.13
C TYR A 47 18.22 24.06 23.06
N HIS A 48 17.83 25.32 22.91
CA HIS A 48 18.24 26.41 23.80
C HIS A 48 19.75 26.40 24.01
N GLY A 49 20.52 26.38 22.92
CA GLY A 49 21.95 26.53 22.98
C GLY A 49 22.77 25.29 23.23
N TYR A 50 22.13 24.16 23.57
CA TYR A 50 22.79 22.90 23.88
C TYR A 50 22.43 21.80 22.87
N ILE A 51 23.35 20.83 22.70
CA ILE A 51 23.08 19.76 21.72
C ILE A 51 22.76 18.45 22.40
N TYR A 52 21.48 18.10 22.43
CA TYR A 52 21.02 16.89 23.11
C TYR A 52 21.33 15.72 22.19
N THR A 53 22.09 14.77 22.68
CA THR A 53 22.67 13.75 21.82
C THR A 53 22.26 12.37 22.31
N TYR A 54 21.74 11.54 21.41
CA TYR A 54 21.21 10.23 21.67
C TYR A 54 22.06 9.20 20.93
N ARG A 55 22.72 8.30 21.67
CA ARG A 55 23.54 7.31 20.99
C ARG A 55 22.65 6.28 20.32
N VAL A 56 23.00 5.95 19.09
CA VAL A 56 22.18 5.09 18.24
C VAL A 56 23.04 3.92 17.79
N SER A 57 22.55 2.71 17.99
CA SER A 57 23.30 1.49 17.71
C SER A 57 22.53 0.54 16.80
N GLN A 58 23.27 -0.25 16.02
CA GLN A 58 22.72 -1.28 15.16
C GLN A 58 22.83 -2.63 15.86
N THR A 59 21.79 -3.45 15.70
CA THR A 59 21.80 -4.79 16.27
C THR A 59 22.58 -5.75 15.36
N GLU A 60 23.04 -6.84 15.97
CA GLU A 60 23.68 -8.00 15.39
C GLU A 60 22.85 -8.70 14.31
N THR A 61 21.59 -8.31 14.20
CA THR A 61 20.58 -8.76 13.27
C THR A 61 20.07 -7.63 12.39
N GLY A 62 20.68 -6.46 12.45
CA GLY A 62 20.46 -5.35 11.57
C GLY A 62 19.56 -4.22 12.01
N SER A 63 18.85 -4.29 13.13
CA SER A 63 17.90 -3.17 13.38
C SER A 63 18.53 -2.04 14.16
N TRP A 64 17.81 -0.93 14.39
CA TRP A 64 18.41 0.23 15.05
C TRP A 64 17.65 0.65 16.30
N SER A 65 18.36 1.17 17.30
CA SER A 65 17.69 1.70 18.49
C SER A 65 18.49 2.86 19.10
N ALA A 66 17.80 3.68 19.89
CA ALA A 66 18.46 4.80 20.54
C ALA A 66 18.68 4.45 22.01
N GLU A 67 19.73 4.93 22.65
CA GLU A 67 19.85 4.78 24.10
C GLU A 67 18.57 5.25 24.79
N THR A 68 18.14 4.39 25.71
CA THR A 68 16.85 4.52 26.36
C THR A 68 16.97 4.49 27.87
N ALA A 69 16.16 5.33 28.51
CA ALA A 69 16.27 5.38 29.97
C ALA A 69 15.86 4.09 30.67
N PRO A 70 16.42 3.90 31.85
CA PRO A 70 16.05 2.78 32.72
C PRO A 70 14.55 2.75 33.01
N GLY A 71 13.98 1.56 32.92
CA GLY A 71 12.56 1.36 33.14
C GLY A 71 11.67 1.80 31.98
N VAL A 72 12.20 1.99 30.78
CA VAL A 72 11.42 2.41 29.61
C VAL A 72 11.58 1.37 28.54
N HIS A 73 10.49 1.02 27.88
CA HIS A 73 10.59 0.01 26.81
C HIS A 73 11.44 0.54 25.67
N LYS A 74 12.51 -0.16 25.27
CA LYS A 74 13.32 0.26 24.14
C LYS A 74 12.69 -0.10 22.79
N ARG A 75 12.65 0.84 21.85
CA ARG A 75 12.05 0.58 20.53
C ARG A 75 13.13 0.24 19.51
N TYR A 76 12.91 -0.75 18.67
CA TYR A 76 13.85 -1.07 17.58
C TYR A 76 13.27 -0.70 16.22
N PHE A 77 14.11 -0.39 15.24
CA PHE A 77 13.58 0.00 13.93
C PHE A 77 14.38 -0.71 12.84
N ARG A 78 13.75 -1.23 11.80
CA ARG A 78 14.48 -1.92 10.74
C ARG A 78 15.43 -1.00 10.00
N LYS A 79 14.93 0.17 9.65
CA LYS A 79 15.66 1.17 8.89
C LYS A 79 15.98 2.36 9.79
N ILE A 80 17.15 2.95 9.63
CA ILE A 80 17.52 4.14 10.40
C ILE A 80 16.57 5.29 10.07
N LYS A 81 16.11 5.33 8.83
CA LYS A 81 15.18 6.38 8.42
C LYS A 81 13.87 6.24 9.19
N ASN A 82 13.54 5.02 9.58
CA ASN A 82 12.34 4.77 10.36
C ASN A 82 12.50 5.29 11.80
N LEU A 83 13.68 5.04 12.37
CA LEU A 83 13.95 5.58 13.72
C LEU A 83 13.89 7.09 13.64
N ILE A 84 14.47 7.67 12.59
CA ILE A 84 14.47 9.11 12.47
C ILE A 84 13.05 9.62 12.28
N SER A 85 12.24 8.93 11.47
CA SER A 85 10.86 9.40 11.32
C SER A 85 10.10 9.36 12.63
N ALA A 86 10.33 8.33 13.42
CA ALA A 86 9.60 8.26 14.69
C ALA A 86 9.87 9.47 15.57
N PHE A 87 11.13 9.85 15.67
CA PHE A 87 11.51 10.92 16.61
C PHE A 87 11.27 12.29 16.01
N GLN A 88 10.74 12.41 14.80
CA GLN A 88 10.22 13.67 14.31
C GLN A 88 8.81 13.95 14.86
N LYS A 89 8.13 12.97 15.45
CA LYS A 89 6.77 13.17 15.97
C LYS A 89 6.80 13.73 17.39
N PRO A 90 5.75 14.43 17.81
CA PRO A 90 5.74 14.96 19.17
C PRO A 90 5.63 13.90 20.26
N ASP A 91 6.22 14.19 21.41
CA ASP A 91 6.13 13.39 22.64
C ASP A 91 6.62 11.96 22.49
N GLN A 92 7.86 11.77 22.04
CA GLN A 92 8.41 10.44 21.89
C GLN A 92 9.55 10.20 22.89
N GLY A 93 9.76 11.10 23.85
CA GLY A 93 10.75 10.95 24.90
C GLY A 93 12.10 11.56 24.62
N ILE A 94 12.20 12.49 23.65
CA ILE A 94 13.46 13.24 23.48
C ILE A 94 13.16 14.72 23.74
N VAL A 95 14.15 15.59 23.88
CA VAL A 95 13.98 16.89 24.53
C VAL A 95 13.02 17.76 23.72
N ILE A 96 13.11 17.71 22.41
CA ILE A 96 12.26 18.40 21.47
C ILE A 96 12.23 17.50 20.23
N PRO A 97 11.19 17.48 19.42
CA PRO A 97 11.21 16.64 18.21
C PRO A 97 12.25 17.06 17.19
N LEU A 98 12.70 16.08 16.40
CA LEU A 98 13.57 16.35 15.25
C LEU A 98 12.81 17.13 14.19
N GLN A 99 13.24 18.34 13.87
CA GLN A 99 12.38 19.20 13.05
C GLN A 99 12.99 19.73 11.77
N TYR A 100 14.25 20.13 11.85
CA TYR A 100 14.94 20.70 10.69
C TYR A 100 16.21 19.91 10.39
N PRO A 101 16.19 19.05 9.38
CA PRO A 101 17.35 18.22 9.07
C PRO A 101 18.48 19.12 8.59
N VAL A 102 19.69 18.90 9.11
CA VAL A 102 20.89 19.60 8.64
C VAL A 102 21.60 18.58 7.77
N GLU A 103 21.49 18.75 6.46
CA GLU A 103 21.85 17.68 5.54
C GLU A 103 23.24 17.90 4.94
N LYS A 104 23.82 16.79 4.49
CA LYS A 104 25.10 16.85 3.77
C LYS A 104 24.94 17.81 2.58
N ALA B 3 -34.34 -6.83 -8.24
CA ALA B 3 -33.36 -6.27 -9.17
C ALA B 3 -32.04 -7.04 -9.19
N VAL B 4 -31.36 -7.09 -10.33
CA VAL B 4 -29.99 -7.60 -10.42
C VAL B 4 -29.02 -6.46 -10.16
N ALA B 5 -28.37 -6.45 -9.01
CA ALA B 5 -27.60 -5.29 -8.58
C ALA B 5 -26.53 -4.84 -9.57
N VAL B 6 -25.78 -5.75 -10.19
CA VAL B 6 -24.73 -5.30 -11.12
C VAL B 6 -25.25 -5.10 -12.55
N TYR B 7 -26.56 -5.15 -12.76
CA TYR B 7 -27.05 -4.83 -14.10
C TYR B 7 -27.09 -3.33 -14.32
N HIS B 8 -26.37 -2.86 -15.34
CA HIS B 8 -26.27 -1.44 -15.65
C HIS B 8 -27.17 -1.02 -16.81
N GLY B 9 -27.94 -1.93 -17.39
CA GLY B 9 -28.72 -1.54 -18.56
C GLY B 9 -27.86 -1.40 -19.79
N LYS B 10 -28.27 -0.46 -20.63
CA LYS B 10 -27.74 -0.26 -21.96
C LYS B 10 -26.49 0.59 -21.99
N ILE B 11 -25.57 0.32 -21.07
CA ILE B 11 -24.31 1.07 -21.16
C ILE B 11 -23.52 0.52 -22.35
N SER B 12 -22.58 1.31 -22.87
CA SER B 12 -21.73 0.78 -23.94
C SER B 12 -20.70 -0.19 -23.36
N ARG B 13 -20.06 -0.88 -24.29
CA ARG B 13 -18.90 -1.70 -24.01
C ARG B 13 -17.79 -0.91 -23.35
N GLU B 14 -17.48 0.22 -23.98
CA GLU B 14 -16.45 1.11 -23.44
C GLU B 14 -16.75 1.60 -22.03
N THR B 15 -17.99 2.03 -21.76
CA THR B 15 -18.21 2.48 -20.40
C THR B 15 -18.16 1.28 -19.44
N GLY B 16 -18.56 0.10 -19.86
CA GLY B 16 -18.41 -1.09 -19.03
C GLY B 16 -16.95 -1.34 -18.68
N GLU B 17 -16.09 -1.16 -19.69
CA GLU B 17 -14.66 -1.38 -19.51
C GLU B 17 -14.10 -0.37 -18.51
N LYS B 18 -14.53 0.88 -18.72
CA LYS B 18 -13.98 1.93 -17.86
C LYS B 18 -14.39 1.72 -16.41
N LEU B 19 -15.59 1.25 -16.17
CA LEU B 19 -16.10 1.06 -14.81
C LEU B 19 -15.32 -0.01 -14.07
N LEU B 20 -14.96 -1.07 -14.81
CA LEU B 20 -14.23 -2.18 -14.18
C LEU B 20 -12.77 -1.81 -14.02
N LEU B 21 -12.19 -1.31 -15.11
CA LEU B 21 -10.78 -0.93 -15.05
C LEU B 21 -10.49 0.06 -13.94
N ALA B 22 -11.47 0.89 -13.57
CA ALA B 22 -11.16 1.92 -12.58
C ALA B 22 -10.85 1.29 -11.23
N THR B 23 -11.35 0.09 -10.97
CA THR B 23 -11.09 -0.52 -9.67
C THR B 23 -9.67 -1.08 -9.61
N GLY B 24 -9.11 -1.42 -10.78
CA GLY B 24 -7.80 -2.07 -10.82
C GLY B 24 -7.81 -3.46 -10.23
N LEU B 25 -8.98 -4.07 -10.02
CA LEU B 25 -8.98 -5.31 -9.25
C LEU B 25 -9.51 -6.50 -10.02
N ASP B 26 -8.69 -7.54 -10.16
CA ASP B 26 -9.14 -8.73 -10.90
C ASP B 26 -10.35 -9.30 -10.15
N GLY B 27 -11.42 -9.65 -10.85
CA GLY B 27 -12.58 -10.21 -10.17
C GLY B 27 -13.73 -9.24 -10.06
N SER B 28 -13.50 -7.98 -10.42
CA SER B 28 -14.51 -6.94 -10.56
C SER B 28 -15.48 -7.26 -11.68
N TYR B 29 -16.76 -7.02 -11.47
CA TYR B 29 -17.68 -7.45 -12.54
C TYR B 29 -18.95 -6.62 -12.59
N LEU B 30 -19.57 -6.64 -13.78
CA LEU B 30 -20.87 -6.05 -13.99
C LEU B 30 -21.60 -6.80 -15.10
N LEU B 31 -22.86 -6.44 -15.30
CA LEU B 31 -23.69 -6.99 -16.37
C LEU B 31 -24.25 -5.83 -17.21
N ARG B 32 -24.15 -5.94 -18.52
CA ARG B 32 -24.76 -4.95 -19.42
C ARG B 32 -25.52 -5.64 -20.53
N ASP B 33 -26.37 -4.93 -21.26
CA ASP B 33 -26.89 -5.46 -22.51
C ASP B 33 -25.79 -5.75 -23.53
N SER B 34 -26.00 -6.78 -24.34
CA SER B 34 -25.18 -6.97 -25.51
C SER B 34 -25.31 -5.81 -26.47
N GLU B 35 -24.25 -5.43 -27.16
CA GLU B 35 -24.45 -4.47 -28.25
C GLU B 35 -24.73 -5.16 -29.58
N SER B 36 -24.33 -6.42 -29.69
CA SER B 36 -24.32 -7.12 -30.98
C SER B 36 -25.51 -8.05 -31.18
N VAL B 37 -26.10 -8.56 -30.12
CA VAL B 37 -27.16 -9.55 -30.14
C VAL B 37 -28.34 -9.07 -29.28
N PRO B 38 -29.50 -8.94 -29.93
CA PRO B 38 -30.69 -8.43 -29.23
C PRO B 38 -31.21 -9.47 -28.24
N GLY B 39 -31.64 -9.00 -27.09
CA GLY B 39 -32.13 -9.87 -26.04
C GLY B 39 -31.04 -10.60 -25.28
N VAL B 40 -29.78 -10.25 -25.53
CA VAL B 40 -28.67 -10.92 -24.85
C VAL B 40 -27.96 -9.97 -23.88
N TYR B 41 -27.42 -10.54 -22.81
CA TYR B 41 -26.72 -9.82 -21.75
C TYR B 41 -25.26 -10.23 -21.69
N CYS B 42 -24.41 -9.30 -21.26
CA CYS B 42 -22.99 -9.61 -21.18
C CYS B 42 -22.46 -9.50 -19.75
N LEU B 43 -21.97 -10.63 -19.29
CA LEU B 43 -21.39 -10.69 -17.95
C LEU B 43 -19.91 -10.35 -18.14
N CYS B 44 -19.47 -9.24 -17.59
CA CYS B 44 -18.13 -8.70 -17.79
C CYS B 44 -17.25 -8.79 -16.54
N VAL B 45 -16.12 -9.43 -16.69
CA VAL B 45 -15.20 -9.64 -15.59
C VAL B 45 -13.78 -9.15 -15.91
N LEU B 46 -13.20 -8.38 -15.00
CA LEU B 46 -11.83 -7.89 -15.17
C LEU B 46 -10.80 -8.94 -14.75
N TYR B 47 -9.87 -9.26 -15.66
CA TYR B 47 -8.75 -10.13 -15.30
C TYR B 47 -7.56 -9.78 -16.19
N HIS B 48 -6.42 -9.57 -15.56
CA HIS B 48 -5.18 -9.23 -16.29
C HIS B 48 -5.37 -8.16 -17.36
N GLY B 49 -5.95 -7.02 -16.99
CA GLY B 49 -6.14 -5.86 -17.83
C GLY B 49 -7.19 -6.01 -18.91
N TYR B 50 -7.85 -7.17 -19.07
CA TYR B 50 -8.86 -7.31 -20.10
C TYR B 50 -10.23 -7.52 -19.47
N ILE B 51 -11.28 -7.23 -20.25
CA ILE B 51 -12.62 -7.50 -19.72
C ILE B 51 -13.16 -8.76 -20.41
N TYR B 52 -13.06 -9.86 -19.67
CA TYR B 52 -13.53 -11.13 -20.21
C TYR B 52 -15.05 -11.09 -20.13
N THR B 53 -15.65 -11.30 -21.28
CA THR B 53 -17.07 -11.03 -21.42
C THR B 53 -17.83 -12.27 -21.88
N TYR B 54 -18.84 -12.64 -21.10
CA TYR B 54 -19.61 -13.84 -21.37
C TYR B 54 -21.04 -13.51 -21.78
N ARG B 55 -21.43 -13.94 -22.99
CA ARG B 55 -22.80 -13.72 -23.38
C ARG B 55 -23.76 -14.64 -22.62
N VAL B 56 -24.79 -14.03 -22.05
CA VAL B 56 -25.85 -14.69 -21.29
C VAL B 56 -27.21 -14.50 -21.96
N SER B 57 -27.87 -15.59 -22.31
CA SER B 57 -29.10 -15.58 -23.08
C SER B 57 -30.19 -16.34 -22.31
N GLN B 58 -31.43 -15.98 -22.63
CA GLN B 58 -32.60 -16.69 -22.13
C GLN B 58 -33.03 -17.73 -23.16
N THR B 59 -33.41 -18.92 -22.70
CA THR B 59 -33.95 -19.94 -23.59
C THR B 59 -35.47 -19.92 -23.69
N GLU B 60 -36.03 -20.75 -24.55
CA GLU B 60 -37.47 -20.88 -24.68
C GLU B 60 -38.17 -21.31 -23.42
N THR B 61 -37.45 -21.83 -22.43
CA THR B 61 -38.19 -22.17 -21.21
C THR B 61 -38.07 -21.08 -20.14
N GLY B 62 -37.42 -19.97 -20.43
CA GLY B 62 -37.18 -18.88 -19.50
C GLY B 62 -35.93 -19.04 -18.66
N SER B 63 -35.25 -20.17 -18.79
CA SER B 63 -33.98 -20.35 -18.08
C SER B 63 -32.91 -19.50 -18.76
N TRP B 64 -31.77 -19.32 -18.12
CA TRP B 64 -30.65 -18.56 -18.64
C TRP B 64 -29.35 -19.36 -18.64
N SER B 65 -28.47 -19.09 -19.60
CA SER B 65 -27.17 -19.73 -19.58
C SER B 65 -26.09 -18.85 -20.22
N ALA B 66 -24.84 -19.10 -19.86
CA ALA B 66 -23.75 -18.38 -20.51
C ALA B 66 -23.19 -19.17 -21.69
N GLU B 67 -22.68 -18.45 -22.69
CA GLU B 67 -21.97 -19.10 -23.79
C GLU B 67 -20.93 -20.10 -23.28
N THR B 68 -20.98 -21.33 -23.79
CA THR B 68 -20.22 -22.44 -23.22
C THR B 68 -19.32 -23.13 -24.23
N ALA B 69 -18.15 -23.59 -23.76
CA ALA B 69 -17.14 -24.13 -24.64
C ALA B 69 -17.59 -25.44 -25.27
N PRO B 70 -17.25 -25.67 -26.53
CA PRO B 70 -17.57 -26.97 -27.15
C PRO B 70 -17.07 -28.13 -26.31
N GLY B 71 -17.92 -29.14 -26.12
CA GLY B 71 -17.59 -30.34 -25.37
C GLY B 71 -17.93 -30.25 -23.90
N VAL B 72 -18.28 -29.06 -23.43
CA VAL B 72 -18.56 -28.89 -22.01
C VAL B 72 -20.06 -28.91 -21.75
N HIS B 73 -20.42 -29.53 -20.61
CA HIS B 73 -21.81 -29.59 -20.22
C HIS B 73 -22.37 -28.20 -19.91
N LYS B 74 -23.35 -27.76 -20.68
CA LYS B 74 -23.94 -26.42 -20.51
C LYS B 74 -24.91 -26.33 -19.34
N ARG B 75 -24.85 -25.25 -18.56
CA ARG B 75 -25.66 -25.12 -17.36
C ARG B 75 -26.72 -24.04 -17.56
N TYR B 76 -27.95 -24.43 -17.26
CA TYR B 76 -29.09 -23.53 -17.41
C TYR B 76 -29.59 -23.21 -16.00
N PHE B 77 -29.92 -21.96 -15.76
CA PHE B 77 -30.28 -21.47 -14.43
C PHE B 77 -31.71 -20.93 -14.48
N ARG B 78 -32.50 -21.16 -13.43
CA ARG B 78 -33.88 -20.66 -13.53
C ARG B 78 -33.89 -19.15 -13.67
N LYS B 79 -32.99 -18.50 -12.94
CA LYS B 79 -32.94 -17.04 -12.98
C LYS B 79 -31.52 -16.55 -13.12
N ILE B 80 -31.36 -15.37 -13.72
CA ILE B 80 -30.00 -14.88 -13.96
C ILE B 80 -29.27 -14.63 -12.65
N LYS B 81 -29.99 -14.32 -11.58
CA LYS B 81 -29.34 -14.17 -10.27
C LYS B 81 -28.73 -15.46 -9.82
N ASN B 82 -29.34 -16.58 -10.25
CA ASN B 82 -28.70 -17.84 -9.83
C ASN B 82 -27.44 -18.13 -10.65
N LEU B 83 -27.44 -17.71 -11.91
CA LEU B 83 -26.25 -17.82 -12.75
C LEU B 83 -25.15 -17.00 -12.11
N ILE B 84 -25.52 -15.77 -11.69
CA ILE B 84 -24.43 -14.93 -11.15
C ILE B 84 -23.90 -15.54 -9.87
N SER B 85 -24.78 -16.11 -9.04
CA SER B 85 -24.30 -16.65 -7.77
C SER B 85 -23.46 -17.89 -8.03
N ALA B 86 -23.82 -18.68 -9.04
CA ALA B 86 -23.04 -19.86 -9.41
C ALA B 86 -21.58 -19.50 -9.70
N PHE B 87 -21.38 -18.41 -10.45
CA PHE B 87 -20.05 -18.00 -10.87
C PHE B 87 -19.32 -17.16 -9.83
N GLN B 88 -19.92 -17.00 -8.65
CA GLN B 88 -19.19 -16.47 -7.52
C GLN B 88 -18.39 -17.55 -6.82
N LYS B 89 -18.64 -18.81 -7.15
CA LYS B 89 -17.88 -19.90 -6.53
C LYS B 89 -16.56 -20.12 -7.25
N PRO B 90 -15.61 -20.76 -6.57
CA PRO B 90 -14.33 -21.09 -7.20
C PRO B 90 -14.46 -22.19 -8.25
N ASP B 91 -13.56 -22.14 -9.22
CA ASP B 91 -13.42 -23.21 -10.20
C ASP B 91 -14.68 -23.59 -10.93
N GLN B 92 -15.35 -22.63 -11.55
CA GLN B 92 -16.62 -22.86 -12.23
C GLN B 92 -16.48 -22.66 -13.74
N GLY B 93 -15.25 -22.48 -14.23
CA GLY B 93 -15.09 -22.40 -15.67
C GLY B 93 -15.03 -21.02 -16.27
N ILE B 94 -14.93 -19.97 -15.44
CA ILE B 94 -14.71 -18.64 -16.02
C ILE B 94 -13.35 -18.13 -15.61
N VAL B 95 -12.90 -16.99 -16.11
CA VAL B 95 -11.47 -16.68 -15.96
C VAL B 95 -11.09 -16.45 -14.52
N ILE B 96 -11.99 -15.92 -13.69
CA ILE B 96 -11.73 -15.71 -12.27
C ILE B 96 -13.12 -15.62 -11.65
N PRO B 97 -13.35 -16.09 -10.44
CA PRO B 97 -14.69 -15.91 -9.88
C PRO B 97 -15.09 -14.46 -9.72
N LEU B 98 -16.41 -14.28 -9.83
CA LEU B 98 -17.05 -12.96 -9.68
C LEU B 98 -16.95 -12.51 -8.24
N GLN B 99 -16.20 -11.46 -7.92
CA GLN B 99 -15.94 -11.12 -6.53
C GLN B 99 -16.23 -9.67 -6.17
N TYR B 100 -16.10 -8.72 -7.08
CA TYR B 100 -16.26 -7.30 -6.70
C TYR B 100 -17.29 -6.66 -7.61
N PRO B 101 -18.54 -6.69 -7.16
CA PRO B 101 -19.68 -6.25 -7.97
C PRO B 101 -19.73 -4.75 -8.10
N VAL B 102 -19.65 -4.29 -9.35
CA VAL B 102 -19.63 -2.84 -9.61
C VAL B 102 -21.06 -2.46 -9.97
N GLU B 103 -21.73 -1.67 -9.13
CA GLU B 103 -23.14 -1.37 -9.33
C GLU B 103 -23.36 0.01 -9.94
N LYS B 104 -24.56 0.27 -10.47
CA LYS B 104 -24.73 1.58 -11.10
C LYS B 104 -24.98 2.69 -10.08
N SER C 2 30.84 22.44 28.27
CA SER C 2 30.42 21.44 27.29
C SER C 2 28.99 21.72 26.84
N LEU C 3 28.81 21.86 25.53
CA LEU C 3 27.51 22.11 24.93
C LEU C 3 26.80 20.82 24.54
N THR C 4 27.49 19.69 24.47
CA THR C 4 26.83 18.40 24.23
C THR C 4 26.32 17.79 25.52
N ILE C 5 25.04 17.37 25.52
CA ILE C 5 24.47 16.61 26.64
C ILE C 5 23.99 15.25 26.12
N ALA C 7 21.67 12.42 26.28
CA ALA C 7 20.38 12.18 26.92
C ALA C 7 19.92 10.79 26.51
N GLN C 8 18.82 10.31 27.02
CA GLN C 8 18.26 8.99 26.79
C GLN C 8 16.78 9.13 26.45
N VAL C 9 16.29 8.25 25.59
CA VAL C 9 14.87 8.27 25.23
C VAL C 9 14.06 8.01 26.50
N GLN C 10 13.08 8.85 26.84
CA GLN C 10 12.41 8.76 28.14
C GLN C 10 11.04 8.10 28.10
N LYS C 11 10.53 7.72 26.94
CA LYS C 11 9.26 7.07 26.71
C LYS C 11 9.33 6.02 25.60
N SER D 2 -9.51 -3.17 -28.67
CA SER D 2 -10.48 -3.16 -27.58
C SER D 2 -9.95 -3.96 -26.39
N LEU D 3 -10.41 -3.64 -25.19
CA LEU D 3 -9.94 -4.39 -24.01
C LEU D 3 -10.88 -5.55 -23.71
N THR D 4 -11.93 -5.67 -24.52
CA THR D 4 -12.96 -6.69 -24.34
C THR D 4 -12.52 -7.96 -25.05
N ILE D 5 -12.64 -9.09 -24.38
CA ILE D 5 -12.41 -10.38 -25.00
C ILE D 5 -13.61 -11.29 -24.79
N ALA D 7 -15.54 -14.59 -24.24
CA ALA D 7 -15.09 -15.89 -23.72
C ALA D 7 -16.22 -16.88 -23.55
N GLN D 8 -15.84 -18.12 -23.27
CA GLN D 8 -16.78 -19.22 -23.08
C GLN D 8 -16.58 -19.94 -21.75
N VAL D 9 -17.66 -20.38 -21.12
CA VAL D 9 -17.49 -21.14 -19.88
C VAL D 9 -16.81 -22.46 -20.23
N GLN D 10 -15.82 -22.82 -19.46
CA GLN D 10 -14.87 -23.89 -19.74
C GLN D 10 -15.12 -25.18 -18.96
N LYS D 11 -16.04 -25.16 -18.02
CA LYS D 11 -16.37 -26.24 -17.10
C LYS D 11 -17.88 -26.36 -16.88
#